data_3GOF
#
_entry.id   3GOF
#
_cell.length_a   44.923
_cell.length_b   57.773
_cell.length_c   60.231
_cell.angle_alpha   90.00
_cell.angle_beta   93.06
_cell.angle_gamma   90.00
#
_symmetry.space_group_name_H-M   'P 1 21 1'
#
loop_
_entity.id
_entity.type
_entity.pdbx_description
1 polymer Calmodulin
2 polymer 'Nitric oxide synthase, inducible'
3 non-polymer 'CALCIUM ION'
4 non-polymer 'SULFATE ION'
5 water water
#
loop_
_entity_poly.entity_id
_entity_poly.type
_entity_poly.pdbx_seq_one_letter_code
_entity_poly.pdbx_strand_id
1 'polypeptide(L)'
;ADQLTEEQIAEFKEAFSLFDKDGDGTITTKELGTVMRSLGQNPTEAELQDMINEVDADGNGTIDFPEFLTMMARKMKDTD
SEEEIREAFRVFDKDGNGYISAAELRHVMTNLGEKLTDEEVDEMIREADIDGDGQVNYEEFVQMMTAK
;
A,B
2 'polypeptide(L)' RRREIRFRVLVKVVFF C,D
#
loop_
_chem_comp.id
_chem_comp.type
_chem_comp.name
_chem_comp.formula
CA non-polymer 'CALCIUM ION' 'Ca 2'
SO4 non-polymer 'SULFATE ION' 'O4 S -2'
#
# COMPACT_ATOMS: atom_id res chain seq x y z
N GLN A 3 32.35 16.58 2.12
CA GLN A 3 33.05 15.30 2.41
C GLN A 3 32.40 14.17 1.61
N LEU A 4 31.34 14.50 0.87
CA LEU A 4 30.74 13.49 0.01
C LEU A 4 31.60 13.29 -1.23
N THR A 5 31.69 12.05 -1.68
CA THR A 5 32.44 11.76 -2.89
C THR A 5 31.61 11.98 -4.14
N GLU A 6 32.30 12.04 -5.29
CA GLU A 6 31.60 12.20 -6.57
C GLU A 6 30.61 11.06 -6.82
N GLU A 7 30.96 9.84 -6.42
CA GLU A 7 30.02 8.74 -6.50
C GLU A 7 28.77 9.01 -5.69
N GLN A 8 28.96 9.39 -4.44
CA GLN A 8 27.80 9.66 -3.61
C GLN A 8 26.94 10.80 -4.18
N ILE A 9 27.57 11.89 -4.56
CA ILE A 9 26.81 13.01 -5.14
C ILE A 9 26.00 12.55 -6.37
N ALA A 10 26.63 11.73 -7.21
CA ALA A 10 25.97 11.22 -8.42
C ALA A 10 24.74 10.37 -8.06
N GLU A 11 24.88 9.50 -7.04
CA GLU A 11 23.77 8.71 -6.57
C GLU A 11 22.66 9.61 -6.07
N PHE A 12 23.01 10.67 -5.31
CA PHE A 12 21.98 11.54 -4.75
C PHE A 12 21.30 12.36 -5.81
N LYS A 13 22.05 12.79 -6.81
CA LYS A 13 21.47 13.54 -7.95
C LYS A 13 20.52 12.63 -8.73
N GLU A 14 20.92 11.39 -8.94
CA GLU A 14 20.03 10.47 -9.65
C GLU A 14 18.72 10.27 -8.85
N ALA A 15 18.85 10.05 -7.53
CA ALA A 15 17.67 9.86 -6.67
C ALA A 15 16.79 11.14 -6.73
N PHE A 16 17.42 12.32 -6.64
CA PHE A 16 16.68 13.57 -6.70
C PHE A 16 15.83 13.68 -7.97
N SER A 17 16.44 13.27 -9.08
CA SER A 17 15.80 13.29 -10.37
C SER A 17 14.57 12.41 -10.45
N LEU A 18 14.48 11.39 -9.60
CA LEU A 18 13.29 10.53 -9.58
C LEU A 18 12.09 11.25 -8.94
N PHE A 19 12.39 12.14 -7.99
CA PHE A 19 11.34 12.98 -7.40
C PHE A 19 11.04 14.22 -8.25
N ASP A 20 12.08 14.90 -8.76
CA ASP A 20 11.88 16.15 -9.47
C ASP A 20 11.59 15.86 -10.92
N LYS A 21 10.44 15.25 -11.19
CA LYS A 21 10.14 14.81 -12.55
C LYS A 21 10.06 15.90 -13.57
N ASP A 22 9.72 17.13 -13.15
CA ASP A 22 9.66 18.17 -14.17
C ASP A 22 11.02 18.87 -14.35
N GLY A 23 12.01 18.43 -13.56
CA GLY A 23 13.34 18.98 -13.61
C GLY A 23 13.48 20.47 -13.38
N ASP A 24 12.57 21.06 -12.59
CA ASP A 24 12.63 22.50 -12.29
C ASP A 24 13.52 22.83 -11.11
N GLY A 25 14.14 21.80 -10.53
CA GLY A 25 15.11 21.96 -9.47
C GLY A 25 14.53 21.84 -8.06
N THR A 26 13.21 21.67 -7.93
CA THR A 26 12.59 21.50 -6.62
C THR A 26 11.62 20.35 -6.59
N ILE A 27 11.54 19.70 -5.45
CA ILE A 27 10.53 18.68 -5.19
C ILE A 27 9.34 19.29 -4.48
N THR A 28 8.16 19.12 -5.06
CA THR A 28 6.91 19.59 -4.48
C THR A 28 6.15 18.47 -3.80
N THR A 29 5.12 18.83 -3.01
CA THR A 29 4.21 17.83 -2.45
C THR A 29 3.61 16.96 -3.53
N LYS A 30 3.20 17.56 -4.65
CA LYS A 30 2.65 16.76 -5.75
C LYS A 30 3.66 15.70 -6.23
N GLU A 31 4.91 16.10 -6.47
CA GLU A 31 5.96 15.16 -6.89
C GLU A 31 6.24 14.05 -5.88
N LEU A 32 6.25 14.41 -4.61
CA LEU A 32 6.48 13.41 -3.59
C LEU A 32 5.32 12.42 -3.55
N GLY A 33 4.09 12.93 -3.70
CA GLY A 33 2.89 12.10 -3.73
C GLY A 33 2.95 11.10 -4.89
N THR A 34 3.34 11.61 -6.07
CA THR A 34 3.50 10.71 -7.20
C THR A 34 4.51 9.56 -6.94
N VAL A 35 5.65 9.93 -6.37
CA VAL A 35 6.66 8.90 -6.05
C VAL A 35 6.12 7.91 -5.04
N MET A 36 5.55 8.42 -3.96
CA MET A 36 5.08 7.49 -2.92
C MET A 36 3.97 6.58 -3.47
N ARG A 37 3.06 7.14 -4.29
CA ARG A 37 2.03 6.25 -4.86
C ARG A 37 2.66 5.23 -5.78
N SER A 38 3.72 5.60 -6.51
CA SER A 38 4.38 4.59 -7.34
C SER A 38 5.01 3.43 -6.53
N LEU A 39 5.34 3.68 -5.26
CA LEU A 39 5.91 2.66 -4.37
C LEU A 39 4.80 1.79 -3.74
N GLY A 40 3.55 2.14 -4.02
CA GLY A 40 2.40 1.40 -3.50
C GLY A 40 1.83 1.98 -2.20
N GLN A 41 2.29 3.17 -1.83
CA GLN A 41 1.74 3.87 -0.66
C GLN A 41 0.60 4.82 -1.08
N ASN A 42 -0.16 5.29 -0.11
CA ASN A 42 -1.26 6.25 -0.36
C ASN A 42 -1.22 7.37 0.70
N PRO A 43 -0.15 8.18 0.68
CA PRO A 43 -0.03 9.27 1.69
C PRO A 43 -1.16 10.32 1.53
N THR A 44 -1.57 10.87 2.65
CA THR A 44 -2.53 11.96 2.61
C THR A 44 -1.84 13.27 2.27
N GLU A 45 -2.65 14.26 1.87
CA GLU A 45 -2.09 15.55 1.55
C GLU A 45 -1.31 16.12 2.75
N ALA A 46 -1.87 15.94 3.97
CA ALA A 46 -1.18 16.46 5.17
C ALA A 46 0.13 15.78 5.42
N GLU A 47 0.16 14.47 5.22
CA GLU A 47 1.40 13.74 5.37
C GLU A 47 2.45 14.27 4.37
N LEU A 48 2.07 14.50 3.11
CA LEU A 48 3.02 15.02 2.12
C LEU A 48 3.52 16.42 2.51
N GLN A 49 2.61 17.28 2.95
CA GLN A 49 2.99 18.65 3.35
C GLN A 49 4.00 18.57 4.51
N ASP A 50 3.74 17.73 5.49
CA ASP A 50 4.65 17.64 6.64
C ASP A 50 6.00 17.08 6.17
N MET A 51 6.00 16.08 5.26
CA MET A 51 7.26 15.49 4.81
C MET A 51 8.12 16.50 4.03
N ILE A 52 7.48 17.28 3.15
CA ILE A 52 8.22 18.33 2.44
C ILE A 52 8.72 19.38 3.43
N ASN A 53 7.84 19.85 4.29
CA ASN A 53 8.17 20.96 5.17
C ASN A 53 9.20 20.58 6.23
N GLU A 54 9.28 19.29 6.59
CA GLU A 54 10.28 18.94 7.61
C GLU A 54 11.72 18.87 6.99
N VAL A 55 11.84 18.72 5.66
CA VAL A 55 13.12 18.66 4.93
C VAL A 55 13.49 20.05 4.38
N ASP A 56 12.48 20.82 4.04
CA ASP A 56 12.69 22.23 3.64
C ASP A 56 13.53 22.95 4.70
N ALA A 57 14.42 23.85 4.27
CA ALA A 57 15.25 24.62 5.19
C ALA A 57 14.97 26.11 5.14
N ASP A 58 14.22 26.58 4.14
CA ASP A 58 14.01 28.02 4.02
C ASP A 58 12.57 28.45 3.87
N GLY A 59 11.65 27.54 4.15
CA GLY A 59 10.26 27.90 4.29
C GLY A 59 9.53 28.19 3.00
N ASN A 60 10.09 27.82 1.83
CA ASN A 60 9.34 28.03 0.60
C ASN A 60 8.45 26.82 0.21
N GLY A 61 8.43 25.78 1.05
CA GLY A 61 7.48 24.70 0.83
C GLY A 61 7.89 23.73 -0.26
N THR A 62 9.15 23.79 -0.73
CA THR A 62 9.68 22.81 -1.67
C THR A 62 11.14 22.46 -1.27
N ILE A 63 11.65 21.37 -1.81
CA ILE A 63 13.00 20.89 -1.51
C ILE A 63 13.90 21.01 -2.75
N ASP A 64 15.00 21.73 -2.62
CA ASP A 64 15.94 21.82 -3.72
C ASP A 64 17.07 20.81 -3.49
N PHE A 65 17.99 20.69 -4.45
CA PHE A 65 18.99 19.63 -4.31
C PHE A 65 19.90 19.85 -3.07
N PRO A 66 20.39 21.05 -2.79
CA PRO A 66 21.14 21.20 -1.54
C PRO A 66 20.35 20.75 -0.30
N GLU A 67 19.06 21.04 -0.22
CA GLU A 67 18.27 20.59 0.95
C GLU A 67 18.16 19.06 0.94
N PHE A 68 18.02 18.48 -0.24
CA PHE A 68 17.95 17.01 -0.36
C PHE A 68 19.27 16.40 0.07
N LEU A 69 20.40 16.99 -0.35
CA LEU A 69 21.74 16.50 0.00
C LEU A 69 21.92 16.53 1.53
N THR A 70 21.51 17.62 2.17
CA THR A 70 21.65 17.72 3.62
C THR A 70 20.88 16.55 4.26
N MET A 71 19.63 16.32 3.81
CA MET A 71 18.80 15.22 4.32
C MET A 71 19.49 13.85 4.09
N MET A 72 20.00 13.61 2.88
CA MET A 72 20.57 12.30 2.54
C MET A 72 21.86 12.06 3.30
N ALA A 73 22.67 13.12 3.44
CA ALA A 73 24.01 12.92 3.99
C ALA A 73 23.78 12.49 5.43
N ARG A 74 22.80 13.12 6.09
CA ARG A 74 22.43 12.74 7.44
C ARG A 74 21.90 11.29 7.53
N LYS A 75 20.97 10.93 6.64
CA LYS A 75 20.41 9.58 6.63
C LYS A 75 21.51 8.55 6.46
N MET A 76 22.51 8.84 5.63
CA MET A 76 23.61 7.89 5.42
C MET A 76 24.46 7.69 6.67
N LYS A 77 24.73 8.76 7.40
CA LYS A 77 25.51 8.70 8.66
C LYS A 77 24.74 7.99 9.77
N ASP A 78 23.45 8.20 9.80
CA ASP A 78 22.61 7.69 10.88
C ASP A 78 22.45 6.17 10.86
N THR A 79 22.36 5.58 12.05
CA THR A 79 21.93 4.19 12.17
C THR A 79 20.45 4.14 11.85
N ASP A 80 20.02 3.10 11.17
CA ASP A 80 18.60 2.89 10.81
C ASP A 80 17.82 2.11 11.88
N SER A 81 16.55 2.43 12.08
CA SER A 81 15.78 1.69 13.05
C SER A 81 15.27 0.33 12.52
N GLU A 82 15.08 -0.63 13.44
CA GLU A 82 14.49 -1.95 13.10
C GLU A 82 13.16 -1.71 12.38
N GLU A 83 12.36 -0.77 12.88
CA GLU A 83 11.04 -0.49 12.34
C GLU A 83 11.14 -0.01 10.89
N GLU A 84 11.99 0.97 10.63
CA GLU A 84 12.08 1.53 9.29
C GLU A 84 12.68 0.50 8.32
N ILE A 85 13.58 -0.36 8.78
CA ILE A 85 14.10 -1.40 7.88
C ILE A 85 12.96 -2.39 7.54
N ARG A 86 12.19 -2.81 8.54
CA ARG A 86 11.12 -3.78 8.32
C ARG A 86 10.09 -3.20 7.35
N GLU A 87 9.71 -1.94 7.55
CA GLU A 87 8.75 -1.29 6.66
C GLU A 87 9.31 -1.18 5.23
N ALA A 88 10.58 -0.83 5.10
CA ALA A 88 11.15 -0.67 3.76
C ALA A 88 11.19 -2.01 3.02
N PHE A 89 11.45 -3.09 3.75
CA PHE A 89 11.53 -4.41 3.10
C PHE A 89 10.19 -4.72 2.44
N ARG A 90 9.09 -4.37 3.12
CA ARG A 90 7.73 -4.66 2.60
C ARG A 90 7.44 -3.88 1.33
N VAL A 91 8.06 -2.71 1.18
CA VAL A 91 7.91 -1.90 -0.05
C VAL A 91 8.41 -2.71 -1.24
N PHE A 92 9.48 -3.47 -1.05
CA PHE A 92 10.04 -4.23 -2.16
C PHE A 92 9.39 -5.63 -2.30
N ASP A 93 9.16 -6.29 -1.18
CA ASP A 93 8.62 -7.65 -1.13
C ASP A 93 7.10 -7.64 -1.33
N LYS A 94 6.68 -7.33 -2.55
CA LYS A 94 5.28 -7.14 -2.84
C LYS A 94 4.42 -8.36 -2.58
N ASP A 95 4.95 -9.55 -2.84
CA ASP A 95 4.14 -10.72 -2.68
C ASP A 95 4.25 -11.31 -1.28
N GLY A 96 4.95 -10.60 -0.39
CA GLY A 96 4.99 -11.01 1.02
C GLY A 96 5.63 -12.39 1.24
N ASN A 97 6.51 -12.82 0.34
CA ASN A 97 7.12 -14.16 0.47
C ASN A 97 8.47 -14.17 1.18
N GLY A 98 8.87 -13.02 1.72
CA GLY A 98 10.08 -12.94 2.51
C GLY A 98 11.35 -12.88 1.69
N TYR A 99 11.23 -12.70 0.36
CA TYR A 99 12.39 -12.46 -0.50
C TYR A 99 12.09 -11.24 -1.37
N ILE A 100 13.08 -10.40 -1.59
CA ILE A 100 13.04 -9.44 -2.71
C ILE A 100 13.67 -10.09 -3.93
N SER A 101 12.89 -10.33 -4.98
CA SER A 101 13.42 -10.95 -6.17
C SER A 101 13.94 -9.84 -7.08
N ALA A 102 14.71 -10.24 -8.09
CA ALA A 102 15.15 -9.28 -9.12
C ALA A 102 13.94 -8.61 -9.78
N ALA A 103 12.89 -9.39 -10.06
CA ALA A 103 11.69 -8.78 -10.66
C ALA A 103 11.09 -7.72 -9.75
N GLU A 104 11.04 -7.98 -8.44
CA GLU A 104 10.42 -7.02 -7.51
C GLU A 104 11.29 -5.75 -7.44
N LEU A 105 12.60 -5.92 -7.34
CA LEU A 105 13.47 -4.74 -7.33
C LEU A 105 13.37 -3.93 -8.63
N ARG A 106 13.37 -4.62 -9.78
CA ARG A 106 13.20 -3.91 -11.03
C ARG A 106 11.86 -3.16 -11.08
N HIS A 107 10.79 -3.80 -10.58
CA HIS A 107 9.49 -3.16 -10.53
C HIS A 107 9.53 -1.86 -9.75
N VAL A 108 10.13 -1.90 -8.56
CA VAL A 108 10.21 -0.69 -7.75
C VAL A 108 11.00 0.40 -8.50
N MET A 109 12.14 0.02 -9.08
CA MET A 109 12.95 1.01 -9.82
C MET A 109 12.19 1.59 -11.04
N THR A 110 11.55 0.74 -11.84
CA THR A 110 10.77 1.19 -12.98
C THR A 110 9.71 2.17 -12.53
N ASN A 111 8.97 1.80 -11.46
CA ASN A 111 7.88 2.64 -10.99
C ASN A 111 8.39 3.99 -10.46
N LEU A 112 9.59 4.04 -9.86
CA LEU A 112 10.19 5.32 -9.48
C LEU A 112 10.68 6.17 -10.64
N GLY A 113 10.77 5.56 -11.83
CA GLY A 113 11.21 6.23 -13.05
C GLY A 113 12.66 5.98 -13.43
N GLU A 114 13.27 4.95 -12.84
CA GLU A 114 14.64 4.58 -13.13
C GLU A 114 14.60 3.26 -13.90
N LYS A 115 14.80 3.32 -15.20
CA LYS A 115 14.83 2.12 -16.02
C LYS A 115 16.21 1.48 -15.98
N LEU A 116 16.25 0.22 -15.59
CA LEU A 116 17.47 -0.54 -15.42
C LEU A 116 17.44 -1.73 -16.34
N THR A 117 18.62 -2.19 -16.71
CA THR A 117 18.75 -3.43 -17.45
C THR A 117 18.70 -4.58 -16.46
N ASP A 118 18.40 -5.78 -16.98
CA ASP A 118 18.46 -6.94 -16.08
C ASP A 118 19.82 -7.08 -15.37
N GLU A 119 20.92 -6.83 -16.08
CA GLU A 119 22.27 -6.94 -15.51
C GLU A 119 22.42 -5.91 -14.36
N GLU A 120 21.88 -4.71 -14.54
CA GLU A 120 21.96 -3.70 -13.48
C GLU A 120 21.17 -4.11 -12.23
N VAL A 121 19.97 -4.67 -12.44
CA VAL A 121 19.18 -5.17 -11.32
C VAL A 121 19.94 -6.29 -10.60
N ASP A 122 20.49 -7.24 -11.37
CA ASP A 122 21.20 -8.34 -10.76
C ASP A 122 22.36 -7.83 -9.92
N GLU A 123 23.06 -6.81 -10.41
CA GLU A 123 24.17 -6.25 -9.64
C GLU A 123 23.71 -5.63 -8.34
N MET A 124 22.60 -4.89 -8.36
CA MET A 124 22.07 -4.31 -7.10
C MET A 124 21.73 -5.47 -6.17
N ILE A 125 21.12 -6.55 -6.68
CA ILE A 125 20.82 -7.67 -5.76
C ILE A 125 22.12 -8.25 -5.14
N ARG A 126 23.18 -8.37 -5.92
CA ARG A 126 24.48 -8.88 -5.40
C ARG A 126 25.02 -8.06 -4.24
N GLU A 127 24.61 -6.82 -4.11
CA GLU A 127 25.11 -5.95 -3.04
C GLU A 127 24.55 -6.39 -1.70
N ALA A 128 23.49 -7.19 -1.71
CA ALA A 128 22.86 -7.69 -0.47
C ALA A 128 22.84 -9.21 -0.37
N ASP A 129 22.73 -9.91 -1.49
CA ASP A 129 22.56 -11.37 -1.42
C ASP A 129 23.81 -11.97 -0.79
N ILE A 130 23.62 -12.92 0.12
CA ILE A 130 24.73 -13.63 0.76
C ILE A 130 24.72 -15.12 0.44
N ASP A 131 23.53 -15.74 0.39
CA ASP A 131 23.50 -17.18 0.15
C ASP A 131 23.46 -17.56 -1.33
N GLY A 132 23.47 -16.55 -2.23
CA GLY A 132 23.70 -16.83 -3.63
C GLY A 132 22.52 -17.25 -4.45
N ASP A 133 21.31 -17.16 -3.89
CA ASP A 133 20.12 -17.51 -4.66
C ASP A 133 19.58 -16.43 -5.60
N GLY A 134 20.27 -15.28 -5.67
CA GLY A 134 19.84 -14.19 -6.53
C GLY A 134 18.61 -13.48 -6.02
N GLN A 135 18.30 -13.63 -4.72
CA GLN A 135 17.22 -12.86 -4.12
C GLN A 135 17.69 -12.41 -2.75
N VAL A 136 16.93 -11.47 -2.15
CA VAL A 136 17.36 -10.89 -0.87
C VAL A 136 16.33 -11.23 0.21
N ASN A 137 16.71 -12.07 1.17
CA ASN A 137 15.79 -12.41 2.25
C ASN A 137 15.90 -11.31 3.32
N TYR A 138 15.14 -11.45 4.40
CA TYR A 138 15.10 -10.36 5.38
C TYR A 138 16.45 -10.18 6.12
N GLU A 139 17.10 -11.29 6.50
CA GLU A 139 18.40 -11.20 7.19
C GLU A 139 19.42 -10.49 6.29
N GLU A 140 19.45 -10.84 5.00
CA GLU A 140 20.35 -10.20 4.04
C GLU A 140 20.02 -8.68 3.91
N PHE A 141 18.73 -8.33 3.92
CA PHE A 141 18.33 -6.93 3.82
C PHE A 141 18.79 -6.19 5.04
N VAL A 142 18.57 -6.79 6.22
CA VAL A 142 19.03 -6.15 7.45
C VAL A 142 20.55 -5.97 7.46
N GLN A 143 21.28 -6.99 7.03
CA GLN A 143 22.74 -6.86 7.05
C GLN A 143 23.19 -5.72 6.14
N MET A 144 22.52 -5.59 4.99
CA MET A 144 22.88 -4.54 4.06
C MET A 144 22.72 -3.17 4.73
N MET A 145 21.64 -3.01 5.51
CA MET A 145 21.29 -1.71 6.09
C MET A 145 21.99 -1.46 7.41
N THR A 146 22.72 -2.45 7.92
CA THR A 146 23.43 -2.28 9.19
C THR A 146 24.92 -2.46 8.93
N GLN B 3 -31.38 -14.91 12.46
CA GLN B 3 -30.96 -13.55 12.86
C GLN B 3 -30.71 -12.76 11.59
N LEU B 4 -29.89 -13.29 10.68
CA LEU B 4 -29.56 -12.55 9.44
C LEU B 4 -30.69 -12.59 8.44
N THR B 5 -30.96 -11.46 7.77
CA THR B 5 -32.00 -11.42 6.78
C THR B 5 -31.46 -11.94 5.45
N GLU B 6 -32.38 -12.20 4.52
CA GLU B 6 -31.97 -12.65 3.18
C GLU B 6 -31.11 -11.59 2.46
N GLU B 7 -31.37 -10.29 2.73
CA GLU B 7 -30.53 -9.23 2.16
C GLU B 7 -29.11 -9.38 2.69
N GLN B 8 -28.95 -9.55 4.01
CA GLN B 8 -27.61 -9.63 4.58
C GLN B 8 -26.89 -10.90 4.09
N ILE B 9 -27.60 -12.02 4.03
CA ILE B 9 -26.97 -13.24 3.51
C ILE B 9 -26.49 -13.06 2.06
N ALA B 10 -27.27 -12.39 1.24
CA ALA B 10 -26.93 -12.21 -0.17
C ALA B 10 -25.68 -11.31 -0.26
N GLU B 11 -25.64 -10.25 0.55
CA GLU B 11 -24.47 -9.39 0.60
C GLU B 11 -23.22 -10.16 1.03
N PHE B 12 -23.36 -11.00 2.04
CA PHE B 12 -22.22 -11.74 2.58
C PHE B 12 -21.78 -12.80 1.57
N LYS B 13 -22.75 -13.42 0.88
CA LYS B 13 -22.41 -14.38 -0.18
C LYS B 13 -21.67 -13.69 -1.35
N GLU B 14 -22.12 -12.50 -1.74
CA GLU B 14 -21.45 -11.76 -2.81
C GLU B 14 -20.03 -11.41 -2.33
N ALA B 15 -19.90 -10.95 -1.08
CA ALA B 15 -18.57 -10.65 -0.54
C ALA B 15 -17.65 -11.87 -0.50
N PHE B 16 -18.21 -13.01 -0.06
CA PHE B 16 -17.47 -14.26 0.03
C PHE B 16 -16.93 -14.63 -1.35
N SER B 17 -17.75 -14.40 -2.37
CA SER B 17 -17.39 -14.73 -3.74
C SER B 17 -16.22 -13.91 -4.31
N LEU B 18 -15.99 -12.73 -3.71
CA LEU B 18 -14.84 -11.87 -4.08
C LEU B 18 -13.50 -12.50 -3.62
N PHE B 19 -13.52 -13.21 -2.50
CA PHE B 19 -12.34 -13.97 -2.03
C PHE B 19 -12.28 -15.34 -2.69
N ASP B 20 -13.39 -16.07 -2.70
CA ASP B 20 -13.38 -17.46 -3.18
C ASP B 20 -13.49 -17.48 -4.69
N LYS B 21 -12.43 -17.05 -5.36
CA LYS B 21 -12.52 -16.83 -6.81
C LYS B 21 -12.63 -18.12 -7.61
N ASP B 22 -12.25 -19.26 -7.02
CA ASP B 22 -12.38 -20.52 -7.75
C ASP B 22 -13.70 -21.21 -7.43
N GLY B 23 -14.50 -20.57 -6.55
CA GLY B 23 -15.84 -21.07 -6.22
C GLY B 23 -15.87 -22.42 -5.53
N ASP B 24 -14.75 -22.80 -4.88
CA ASP B 24 -14.69 -24.11 -4.22
C ASP B 24 -15.24 -24.19 -2.81
N GLY B 25 -15.73 -23.05 -2.30
CA GLY B 25 -16.48 -23.01 -1.05
C GLY B 25 -15.57 -22.63 0.11
N THR B 26 -14.27 -22.47 -0.16
CA THR B 26 -13.39 -22.03 0.92
C THR B 26 -12.45 -20.93 0.49
N ILE B 27 -12.06 -20.08 1.45
CA ILE B 27 -11.07 -19.06 1.20
C ILE B 27 -9.76 -19.57 1.79
N THR B 28 -8.74 -19.58 0.97
CA THR B 28 -7.38 -19.94 1.37
C THR B 28 -6.53 -18.71 1.67
N THR B 29 -5.34 -18.92 2.26
CA THR B 29 -4.39 -17.81 2.47
C THR B 29 -4.03 -17.20 1.12
N LYS B 30 -3.85 -18.03 0.08
CA LYS B 30 -3.56 -17.51 -1.24
C LYS B 30 -4.67 -16.56 -1.76
N GLU B 31 -5.92 -16.97 -1.65
CA GLU B 31 -7.05 -16.12 -2.06
C GLU B 31 -7.14 -14.81 -1.28
N LEU B 32 -6.90 -14.88 0.03
CA LEU B 32 -6.95 -13.69 0.88
C LEU B 32 -5.83 -12.75 0.46
N GLY B 33 -4.64 -13.29 0.15
CA GLY B 33 -3.55 -12.47 -0.32
C GLY B 33 -3.85 -11.75 -1.64
N THR B 34 -4.47 -12.48 -2.59
CA THR B 34 -4.84 -11.89 -3.89
C THR B 34 -5.80 -10.70 -3.70
N VAL B 35 -6.83 -10.87 -2.87
CA VAL B 35 -7.76 -9.77 -2.55
C VAL B 35 -7.03 -8.61 -1.89
N MET B 36 -6.22 -8.91 -0.87
CA MET B 36 -5.56 -7.82 -0.19
C MET B 36 -4.63 -7.04 -1.11
N ARG B 37 -3.92 -7.76 -1.99
CA ARG B 37 -3.04 -7.06 -2.91
C ARG B 37 -3.84 -6.22 -3.90
N SER B 38 -5.03 -6.69 -4.26
CA SER B 38 -5.89 -5.92 -5.17
C SER B 38 -6.35 -4.59 -4.54
N LEU B 39 -6.32 -4.51 -3.21
CA LEU B 39 -6.72 -3.34 -2.45
C LEU B 39 -5.53 -2.43 -2.19
N GLY B 40 -4.35 -2.85 -2.65
CA GLY B 40 -3.12 -2.09 -2.52
C GLY B 40 -2.30 -2.44 -1.31
N GLN B 41 -2.68 -3.51 -0.61
CA GLN B 41 -1.95 -3.95 0.56
C GLN B 41 -0.89 -4.99 0.14
N ASN B 42 0.00 -5.29 1.06
CA ASN B 42 1.07 -6.26 0.80
C ASN B 42 1.29 -7.13 2.02
N PRO B 43 0.30 -7.98 2.33
CA PRO B 43 0.43 -8.86 3.48
C PRO B 43 1.54 -9.89 3.34
N THR B 44 2.13 -10.25 4.48
CA THR B 44 3.09 -11.34 4.45
C THR B 44 2.39 -12.66 4.56
N GLU B 45 3.12 -13.75 4.26
CA GLU B 45 2.57 -15.09 4.43
C GLU B 45 2.11 -15.36 5.88
N ALA B 46 2.91 -14.97 6.87
CA ALA B 46 2.54 -15.19 8.28
C ALA B 46 1.29 -14.43 8.66
N GLU B 47 1.15 -13.23 8.08
CA GLU B 47 -0.01 -12.44 8.41
C GLU B 47 -1.26 -13.10 7.86
N LEU B 48 -1.14 -13.64 6.65
CA LEU B 48 -2.26 -14.34 6.04
C LEU B 48 -2.65 -15.59 6.82
N GLN B 49 -1.65 -16.37 7.24
CA GLN B 49 -1.91 -17.53 8.08
C GLN B 49 -2.64 -17.15 9.37
N ASP B 50 -2.17 -16.08 10.01
CA ASP B 50 -2.76 -15.57 11.25
C ASP B 50 -4.21 -15.13 11.00
N MET B 51 -4.47 -14.40 9.91
CA MET B 51 -5.80 -13.87 9.60
C MET B 51 -6.81 -14.98 9.34
N ILE B 52 -6.40 -16.00 8.61
CA ILE B 52 -7.26 -17.14 8.44
C ILE B 52 -7.45 -17.88 9.79
N ASN B 53 -6.38 -18.14 10.53
CA ASN B 53 -6.50 -18.93 11.78
C ASN B 53 -7.47 -18.31 12.78
N GLU B 54 -7.51 -16.98 12.81
CA GLU B 54 -8.29 -16.29 13.83
C GLU B 54 -9.76 -16.68 13.72
N VAL B 55 -10.21 -16.87 12.48
CA VAL B 55 -11.65 -17.08 12.27
C VAL B 55 -12.00 -18.49 11.78
N ASP B 56 -10.96 -19.31 11.63
CA ASP B 56 -11.10 -20.71 11.32
C ASP B 56 -11.50 -21.56 12.54
N ALA B 57 -12.73 -22.03 12.53
CA ALA B 57 -13.29 -22.69 13.69
C ALA B 57 -12.88 -24.17 13.85
N ASP B 58 -12.41 -24.81 12.79
CA ASP B 58 -12.06 -26.23 12.86
C ASP B 58 -10.64 -26.56 12.48
N GLY B 59 -9.81 -25.53 12.29
CA GLY B 59 -8.38 -25.74 12.21
C GLY B 59 -7.94 -26.42 10.93
N ASN B 60 -8.77 -26.37 9.88
CA ASN B 60 -8.31 -26.86 8.56
C ASN B 60 -7.58 -25.77 7.74
N GLY B 61 -7.38 -24.57 8.31
CA GLY B 61 -6.59 -23.54 7.62
C GLY B 61 -7.29 -22.86 6.45
N THR B 62 -8.60 -23.03 6.31
CA THR B 62 -9.37 -22.31 5.28
C THR B 62 -10.67 -21.88 5.93
N ILE B 63 -11.36 -20.94 5.29
CA ILE B 63 -12.59 -20.39 5.84
C ILE B 63 -13.73 -20.73 4.92
N ASP B 64 -14.75 -21.41 5.45
CA ASP B 64 -15.95 -21.67 4.63
C ASP B 64 -17.01 -20.64 4.86
N PHE B 65 -18.09 -20.71 4.09
CA PHE B 65 -19.11 -19.67 4.23
C PHE B 65 -19.68 -19.57 5.64
N PRO B 66 -20.07 -20.66 6.30
CA PRO B 66 -20.50 -20.50 7.70
C PRO B 66 -19.48 -19.83 8.65
N GLU B 67 -18.20 -20.12 8.48
CA GLU B 67 -17.16 -19.42 9.26
C GLU B 67 -17.09 -17.94 8.92
N PHE B 68 -17.26 -17.64 7.63
CA PHE B 68 -17.28 -16.26 7.16
C PHE B 68 -18.49 -15.51 7.72
N LEU B 69 -19.65 -16.18 7.78
CA LEU B 69 -20.87 -15.59 8.28
C LEU B 69 -20.71 -15.23 9.75
N THR B 70 -20.18 -16.15 10.54
CA THR B 70 -19.91 -15.89 11.95
C THR B 70 -19.07 -14.64 12.16
N MET B 71 -17.95 -14.57 11.44
CA MET B 71 -17.08 -13.40 11.42
C MET B 71 -17.84 -12.13 11.01
N MET B 72 -18.58 -12.18 9.90
CA MET B 72 -19.22 -10.97 9.41
C MET B 72 -20.34 -10.49 10.33
N ALA B 73 -21.13 -11.41 10.85
CA ALA B 73 -22.23 -10.99 11.74
C ALA B 73 -21.65 -10.24 12.95
N ARG B 74 -20.56 -10.75 13.51
CA ARG B 74 -19.87 -10.12 14.62
C ARG B 74 -19.35 -8.74 14.25
N LYS B 75 -18.65 -8.67 13.12
CA LYS B 75 -18.11 -7.40 12.66
C LYS B 75 -19.17 -6.33 12.46
N MET B 76 -20.36 -6.74 11.98
CA MET B 76 -21.42 -5.78 11.67
C MET B 76 -21.95 -5.06 12.90
N LYS B 77 -21.94 -5.77 14.03
CA LYS B 77 -22.41 -5.22 15.31
C LYS B 77 -21.27 -4.77 16.23
N ASP B 78 -20.04 -5.03 15.80
CA ASP B 78 -18.82 -4.50 16.40
C ASP B 78 -18.75 -2.98 16.28
N THR B 79 -17.90 -2.37 17.09
CA THR B 79 -17.83 -0.91 17.16
C THR B 79 -17.07 -0.28 16.01
N ASP B 80 -15.75 -0.51 15.98
CA ASP B 80 -14.84 -0.03 14.93
C ASP B 80 -13.93 1.00 15.58
N SER B 81 -12.63 0.78 15.53
CA SER B 81 -11.71 1.69 16.21
C SER B 81 -11.45 2.88 15.31
N GLU B 82 -11.11 4.03 15.87
CA GLU B 82 -10.75 5.17 15.01
C GLU B 82 -9.64 4.77 14.03
N GLU B 83 -8.67 4.00 14.54
CA GLU B 83 -7.55 3.56 13.71
C GLU B 83 -8.01 2.68 12.54
N GLU B 84 -8.93 1.74 12.79
CA GLU B 84 -9.46 0.86 11.74
C GLU B 84 -10.19 1.70 10.70
N ILE B 85 -10.97 2.67 11.16
CA ILE B 85 -11.72 3.55 10.24
C ILE B 85 -10.76 4.39 9.36
N ARG B 86 -9.77 5.03 9.98
CA ARG B 86 -8.76 5.80 9.24
C ARG B 86 -8.06 4.93 8.19
N GLU B 87 -7.61 3.76 8.62
CA GLU B 87 -6.93 2.81 7.73
C GLU B 87 -7.82 2.41 6.57
N ALA B 88 -9.09 2.12 6.86
CA ALA B 88 -10.00 1.75 5.78
C ALA B 88 -10.22 2.90 4.82
N PHE B 89 -10.33 4.11 5.34
CA PHE B 89 -10.56 5.27 4.48
C PHE B 89 -9.41 5.38 3.45
N ARG B 90 -8.18 5.17 3.93
CA ARG B 90 -7.00 5.28 3.09
C ARG B 90 -6.99 4.25 1.94
N VAL B 91 -7.57 3.08 2.16
CA VAL B 91 -7.70 2.09 1.10
C VAL B 91 -8.50 2.62 -0.09
N PHE B 92 -9.56 3.39 0.20
CA PHE B 92 -10.39 3.92 -0.89
C PHE B 92 -9.83 5.25 -1.47
N ASP B 93 -9.39 6.13 -0.58
CA ASP B 93 -8.90 7.47 -0.94
C ASP B 93 -7.47 7.39 -1.46
N LYS B 94 -7.34 6.88 -2.67
CA LYS B 94 -6.05 6.52 -3.22
C LYS B 94 -5.17 7.76 -3.36
N ASP B 95 -5.77 8.87 -3.80
CA ASP B 95 -4.98 10.06 -4.00
C ASP B 95 -4.77 10.94 -2.76
N GLY B 96 -5.24 10.47 -1.59
CA GLY B 96 -4.95 11.15 -0.33
C GLY B 96 -5.58 12.53 -0.22
N ASN B 97 -6.63 12.80 -1.02
CA ASN B 97 -7.24 14.14 -1.07
C ASN B 97 -8.39 14.35 -0.08
N GLY B 98 -8.70 13.35 0.71
CA GLY B 98 -9.67 13.52 1.79
C GLY B 98 -11.08 13.23 1.35
N TYR B 99 -11.26 12.79 0.09
CA TYR B 99 -12.57 12.35 -0.41
C TYR B 99 -12.42 10.98 -1.10
N ILE B 100 -13.42 10.13 -0.95
CA ILE B 100 -13.54 8.95 -1.81
C ILE B 100 -14.49 9.35 -2.91
N SER B 101 -13.96 9.36 -4.12
CA SER B 101 -14.74 9.70 -5.30
C SER B 101 -15.46 8.45 -5.84
N ALA B 102 -16.48 8.64 -6.69
CA ALA B 102 -17.08 7.52 -7.41
C ALA B 102 -15.99 6.71 -8.16
N ALA B 103 -15.04 7.42 -8.79
CA ALA B 103 -13.98 6.75 -9.57
C ALA B 103 -13.12 5.87 -8.68
N GLU B 104 -12.81 6.38 -7.48
CA GLU B 104 -12.03 5.61 -6.47
C GLU B 104 -12.79 4.38 -5.99
N LEU B 105 -14.08 4.53 -5.68
CA LEU B 105 -14.86 3.38 -5.24
C LEU B 105 -15.01 2.37 -6.37
N ARG B 106 -15.25 2.85 -7.58
CA ARG B 106 -15.37 1.97 -8.74
C ARG B 106 -14.08 1.15 -8.94
N HIS B 107 -12.94 1.83 -8.77
CA HIS B 107 -11.63 1.18 -8.91
C HIS B 107 -11.48 0.07 -7.91
N VAL B 108 -11.80 0.33 -6.64
CA VAL B 108 -11.70 -0.72 -5.64
C VAL B 108 -12.60 -1.92 -6.02
N MET B 109 -13.86 -1.64 -6.38
CA MET B 109 -14.80 -2.73 -6.72
C MET B 109 -14.30 -3.52 -7.92
N THR B 110 -13.84 -2.81 -8.91
CA THR B 110 -13.30 -3.48 -10.10
C THR B 110 -12.09 -4.40 -9.76
N ASN B 111 -11.18 -3.89 -8.94
CA ASN B 111 -10.01 -4.66 -8.50
C ASN B 111 -10.39 -5.90 -7.71
N LEU B 112 -11.48 -5.81 -6.96
CA LEU B 112 -12.01 -6.96 -6.22
C LEU B 112 -12.72 -8.00 -7.11
N GLY B 113 -13.02 -7.63 -8.34
CA GLY B 113 -13.66 -8.50 -9.31
C GLY B 113 -15.16 -8.32 -9.42
N GLU B 114 -15.65 -7.17 -8.96
CA GLU B 114 -17.05 -6.85 -8.96
C GLU B 114 -17.21 -5.64 -9.91
N LYS B 115 -17.53 -5.88 -11.19
CA LYS B 115 -17.68 -4.79 -12.16
C LYS B 115 -19.09 -4.25 -12.05
N LEU B 116 -19.19 -3.00 -11.61
CA LEU B 116 -20.45 -2.34 -11.33
C LEU B 116 -20.81 -1.34 -12.39
N THR B 117 -22.10 -1.07 -12.53
CA THR B 117 -22.53 0.03 -13.40
C THR B 117 -22.27 1.35 -12.70
N ASP B 118 -22.31 2.43 -13.48
CA ASP B 118 -22.19 3.78 -12.92
C ASP B 118 -23.30 4.06 -11.90
N GLU B 119 -24.50 3.56 -12.18
CA GLU B 119 -25.64 3.76 -11.29
C GLU B 119 -25.38 3.03 -9.96
N GLU B 120 -24.81 1.83 -10.04
CA GLU B 120 -24.55 1.05 -8.82
C GLU B 120 -23.51 1.75 -7.97
N VAL B 121 -22.48 2.28 -8.60
CA VAL B 121 -21.47 3.00 -7.84
C VAL B 121 -22.04 4.28 -7.19
N ASP B 122 -22.84 5.04 -7.95
CA ASP B 122 -23.45 6.25 -7.43
C ASP B 122 -24.32 5.94 -6.23
N GLU B 123 -25.06 4.83 -6.27
CA GLU B 123 -25.91 4.48 -5.13
C GLU B 123 -25.10 4.15 -3.86
N MET B 124 -24.01 3.43 -4.03
CA MET B 124 -23.11 3.19 -2.90
C MET B 124 -22.61 4.51 -2.29
N ILE B 125 -22.24 5.45 -3.14
CA ILE B 125 -21.75 6.75 -2.64
C ILE B 125 -22.89 7.47 -1.88
N ARG B 126 -24.12 7.41 -2.40
CA ARG B 126 -25.27 8.05 -1.72
C ARG B 126 -25.51 7.52 -0.31
N GLU B 127 -25.07 6.28 -0.04
CA GLU B 127 -25.28 5.70 1.29
C GLU B 127 -24.44 6.38 2.38
N ALA B 128 -23.43 7.14 1.95
CA ALA B 128 -22.57 7.84 2.90
C ALA B 128 -22.53 9.35 2.69
N ASP B 129 -22.68 9.81 1.46
CA ASP B 129 -22.57 11.25 1.16
C ASP B 129 -23.67 12.03 1.87
N ILE B 130 -23.31 13.11 2.55
CA ILE B 130 -24.25 13.96 3.31
C ILE B 130 -24.40 15.33 2.67
N ASP B 131 -23.27 15.91 2.26
CA ASP B 131 -23.32 17.28 1.79
C ASP B 131 -23.65 17.35 0.33
N GLY B 132 -23.77 16.19 -0.31
CA GLY B 132 -24.29 16.12 -1.66
C GLY B 132 -23.40 16.38 -2.84
N ASP B 133 -22.09 16.39 -2.59
CA ASP B 133 -21.15 16.55 -3.69
C ASP B 133 -20.85 15.28 -4.51
N GLY B 134 -21.46 14.15 -4.15
CA GLY B 134 -21.23 12.94 -4.86
C GLY B 134 -19.89 12.27 -4.53
N GLN B 135 -19.30 12.66 -3.39
CA GLN B 135 -18.06 12.06 -2.86
C GLN B 135 -18.17 11.93 -1.35
N VAL B 136 -17.31 11.10 -0.75
CA VAL B 136 -17.41 10.80 0.68
C VAL B 136 -16.16 11.33 1.34
N ASN B 137 -16.35 12.40 2.09
CA ASN B 137 -15.26 12.92 2.90
C ASN B 137 -15.05 12.08 4.21
N TYR B 138 -14.10 12.47 5.05
CA TYR B 138 -13.78 11.60 6.18
C TYR B 138 -14.88 11.60 7.24
N GLU B 139 -15.53 12.75 7.47
CA GLU B 139 -16.57 12.84 8.51
C GLU B 139 -17.75 11.96 8.05
N GLU B 140 -18.05 12.02 6.77
CA GLU B 140 -19.09 11.20 6.14
C GLU B 140 -18.76 9.69 6.31
N PHE B 141 -17.52 9.33 6.04
CA PHE B 141 -17.09 7.94 6.21
C PHE B 141 -17.23 7.47 7.64
N VAL B 142 -16.74 8.27 8.59
CA VAL B 142 -16.93 7.99 10.00
C VAL B 142 -18.42 7.77 10.33
N GLN B 143 -19.30 8.66 9.87
CA GLN B 143 -20.70 8.55 10.22
C GLN B 143 -21.27 7.22 9.67
N MET B 144 -20.86 6.86 8.46
CA MET B 144 -21.30 5.58 7.88
C MET B 144 -20.80 4.41 8.76
N MET B 145 -19.53 4.46 9.15
CA MET B 145 -18.93 3.29 9.83
C MET B 145 -19.32 3.20 11.28
N THR B 146 -19.87 4.30 11.82
CA THR B 146 -20.49 4.26 13.15
C THR B 146 -21.95 3.77 13.07
N ARG C 1 25.33 10.38 -18.50
CA ARG C 1 25.72 8.95 -18.29
C ARG C 1 24.73 8.28 -17.33
N ARG C 2 24.70 6.96 -17.33
CA ARG C 2 23.88 6.19 -16.38
C ARG C 2 24.53 6.18 -15.04
N ARG C 3 23.81 6.66 -14.04
CA ARG C 3 24.33 6.72 -12.70
C ARG C 3 23.62 5.66 -11.87
N GLU C 4 24.38 4.70 -11.38
CA GLU C 4 23.78 3.68 -10.56
C GLU C 4 23.46 4.25 -9.18
N ILE C 5 22.34 3.84 -8.63
CA ILE C 5 22.11 4.09 -7.23
C ILE C 5 22.37 2.72 -6.59
N ARG C 6 23.28 2.66 -5.63
CA ARG C 6 23.45 1.40 -4.89
C ARG C 6 22.17 1.09 -4.11
N PHE C 7 21.93 -0.20 -3.91
CA PHE C 7 20.70 -0.69 -3.24
C PHE C 7 20.55 -0.04 -1.84
N ARG C 8 21.65 0.03 -1.07
CA ARG C 8 21.56 0.56 0.29
C ARG C 8 21.11 2.03 0.27
N VAL C 9 21.63 2.78 -0.70
CA VAL C 9 21.27 4.22 -0.83
C VAL C 9 19.79 4.32 -1.22
N LEU C 10 19.35 3.46 -2.14
CA LEU C 10 17.94 3.46 -2.53
C LEU C 10 17.01 3.22 -1.33
N VAL C 11 17.36 2.26 -0.51
CA VAL C 11 16.54 1.93 0.66
C VAL C 11 16.49 3.16 1.54
N LYS C 12 17.64 3.81 1.77
CA LYS C 12 17.64 5.02 2.59
C LYS C 12 16.67 6.08 2.05
N VAL C 13 16.62 6.24 0.72
CA VAL C 13 15.64 7.13 0.11
C VAL C 13 14.21 6.71 0.46
N VAL C 14 13.92 5.41 0.39
CA VAL C 14 12.59 4.89 0.67
C VAL C 14 12.17 5.00 2.15
N PHE C 15 13.11 5.23 3.05
CA PHE C 15 12.76 5.52 4.44
C PHE C 15 12.02 6.86 4.60
N PHE C 16 12.40 7.85 3.80
N PHE C 16 12.23 7.76 3.63
CA PHE C 16 11.87 9.22 3.98
CA PHE C 16 11.61 9.13 3.53
C PHE C 16 12.17 9.76 5.37
C PHE C 16 10.35 9.40 4.33
N ARG D 1 -28.62 -14.27 -9.47
CA ARG D 1 -29.02 -12.87 -9.78
C ARG D 1 -27.89 -11.89 -9.43
N ARG D 2 -28.06 -10.64 -9.83
CA ARG D 2 -27.10 -9.59 -9.57
C ARG D 2 -27.29 -9.12 -8.10
N ARG D 3 -26.28 -9.30 -7.26
CA ARG D 3 -26.42 -8.98 -5.84
C ARG D 3 -25.61 -7.76 -5.44
N GLU D 4 -26.28 -6.76 -4.87
CA GLU D 4 -25.62 -5.55 -4.39
C GLU D 4 -24.95 -5.75 -3.02
N ILE D 5 -23.82 -5.06 -2.79
CA ILE D 5 -23.24 -4.97 -1.45
C ILE D 5 -23.31 -3.52 -0.99
N ARG D 6 -23.93 -3.26 0.14
CA ARG D 6 -23.92 -1.90 0.65
C ARG D 6 -22.50 -1.48 1.00
N PHE D 7 -22.22 -0.19 0.85
CA PHE D 7 -20.90 0.39 1.13
C PHE D 7 -20.42 0.05 2.56
N ARG D 8 -21.28 0.16 3.58
CA ARG D 8 -20.83 -0.07 4.95
C ARG D 8 -20.38 -1.54 5.11
N VAL D 9 -21.13 -2.44 4.49
CA VAL D 9 -20.78 -3.87 4.56
C VAL D 9 -19.44 -4.10 3.80
N LEU D 10 -19.28 -3.47 2.64
CA LEU D 10 -18.02 -3.64 1.88
C LEU D 10 -16.83 -3.19 2.73
N VAL D 11 -16.96 -2.06 3.43
CA VAL D 11 -15.85 -1.58 4.25
C VAL D 11 -15.54 -2.57 5.37
N LYS D 12 -16.59 -3.09 6.01
CA LYS D 12 -16.37 -4.11 7.03
C LYS D 12 -15.68 -5.38 6.54
N VAL D 13 -15.94 -5.74 5.30
CA VAL D 13 -15.20 -6.83 4.64
C VAL D 13 -13.74 -6.42 4.46
N VAL D 14 -13.51 -5.12 4.24
CA VAL D 14 -12.17 -4.61 3.99
C VAL D 14 -11.42 -4.31 5.31
N PHE D 15 -12.12 -4.48 6.42
CA PHE D 15 -11.49 -4.39 7.73
C PHE D 15 -10.59 -5.61 7.99
N PHE D 16 -10.92 -6.72 7.33
N PHE D 16 -10.87 -6.72 7.29
CA PHE D 16 -10.24 -8.01 7.51
CA PHE D 16 -10.12 -7.99 7.45
C PHE D 16 -10.14 -8.44 8.96
C PHE D 16 -8.63 -7.81 7.79
CA CA E . 9.92 19.73 -9.63
CA CA F . 13.37 25.02 0.10
CA CA G . 8.87 -11.34 -2.79
CA CA H . 19.75 -14.57 -0.88
S SO4 I . -0.06 9.95 -9.75
O1 SO4 I . -0.20 9.10 -8.57
O2 SO4 I . 0.84 9.24 -10.68
O3 SO4 I . -1.32 10.19 -10.49
O4 SO4 I . 0.52 11.24 -9.43
CA CA J . -11.47 -21.00 -2.91
CA CA K . -12.42 -23.96 8.44
CA CA L . -9.59 10.74 -3.18
CA CA M . -19.83 14.46 0.42
S SO4 N . -1.91 -11.76 -7.22
O1 SO4 N . -2.25 -12.94 -6.42
O2 SO4 N . -0.82 -12.08 -8.16
O3 SO4 N . -3.11 -11.32 -7.98
O4 SO4 N . -1.48 -10.70 -6.32
#